data_9GWU
#
_entry.id   9GWU
#
_cell.length_a   82.727
_cell.length_b   57.293
_cell.length_c   91.267
_cell.angle_alpha   90.00
_cell.angle_beta   93.40
_cell.angle_gamma   90.00
#
_symmetry.space_group_name_H-M   'I 1 2 1'
#
loop_
_entity.id
_entity.type
_entity.pdbx_description
1 polymer 'Sulfoquinovose 1-dehydrogenase'
2 water water
#
_entity_poly.entity_id   1
_entity_poly.type   'polypeptide(L)'
_entity_poly.pdbx_seq_one_letter_code
;MGSSHHHHHHSSGMNRHTDTHYPSLADKVVLISGGASGIGRAFVEAFVAQGSRVAFLDLDAEAGQGLAHALGANSLFLPC
DVRDIERLKACVAEVERTWGAVDVLINNAARDDRHALADVSVEYWDERMQTNLRHAFFAAQAVAPGMARRGSGAIINMGS
ISWMRGRPGMVCYTTAKAALNGMTRTLARELGGQGIRINSLVPGAIRTERQDAMWAADPAGLEAASQAFIDQQMLKFRLD
ASDCARLALFLASDDSRGCTGQNFVVDAGLSIQ
;
_entity_poly.pdbx_strand_id   B,A
#
# COMPACT_ATOMS: atom_id res chain seq x y z
N MET A 14 -2.24 -20.53 17.25
CA MET A 14 -2.55 -19.93 15.93
C MET A 14 -1.84 -18.57 15.72
N ASN A 15 -1.12 -18.41 14.60
CA ASN A 15 -0.24 -17.28 14.25
C ASN A 15 -1.03 -16.13 13.62
N ARG A 16 -0.84 -14.95 14.20
CA ARG A 16 -1.63 -13.75 13.97
C ARG A 16 -1.00 -13.01 12.80
N HIS A 17 0.36 -13.11 12.65
CA HIS A 17 1.14 -12.30 11.68
C HIS A 17 1.23 -10.79 12.03
N THR A 18 0.26 -10.22 12.79
CA THR A 18 0.29 -8.81 13.14
C THR A 18 -0.41 -8.65 14.49
N ASP A 19 -0.10 -7.56 15.22
CA ASP A 19 -0.96 -7.18 16.35
C ASP A 19 -2.08 -6.20 15.96
N THR A 20 -2.05 -5.66 14.73
CA THR A 20 -3.12 -4.78 14.27
C THR A 20 -4.48 -5.50 14.24
N HIS A 21 -5.57 -4.77 14.46
CA HIS A 21 -6.92 -5.28 14.49
C HIS A 21 -7.81 -4.53 13.50
N TYR A 22 -8.28 -5.24 12.46
CA TYR A 22 -9.17 -4.65 11.48
C TYR A 22 -10.59 -5.09 11.72
N PRO A 23 -11.44 -4.32 12.42
CA PRO A 23 -12.82 -4.79 12.63
C PRO A 23 -13.56 -5.03 11.31
N SER A 24 -13.14 -4.33 10.23
CA SER A 24 -13.80 -4.50 8.94
C SER A 24 -13.58 -5.93 8.36
N LEU A 25 -12.61 -6.70 8.87
CA LEU A 25 -12.35 -8.04 8.33
C LEU A 25 -13.24 -9.11 8.97
N ALA A 26 -13.88 -8.78 10.11
CA ALA A 26 -14.61 -9.80 10.84
C ALA A 26 -15.77 -10.34 9.97
N ASP A 27 -15.94 -11.69 9.93
CA ASP A 27 -17.05 -12.32 9.24
C ASP A 27 -16.89 -12.25 7.72
N LYS A 28 -15.83 -11.62 7.20
CA LYS A 28 -15.76 -11.51 5.74
C LYS A 28 -15.39 -12.87 5.19
N VAL A 29 -15.84 -13.17 3.96
CA VAL A 29 -15.53 -14.46 3.39
C VAL A 29 -14.30 -14.29 2.50
N VAL A 30 -13.20 -14.99 2.82
CA VAL A 30 -11.93 -14.81 2.11
C VAL A 30 -11.60 -16.12 1.42
N LEU A 31 -11.08 -16.10 0.16
CA LEU A 31 -10.78 -17.31 -0.59
C LEU A 31 -9.39 -17.18 -1.21
N ILE A 32 -8.48 -18.08 -0.84
CA ILE A 32 -7.05 -17.99 -1.12
C ILE A 32 -6.63 -19.26 -1.86
N SER A 33 -6.09 -19.10 -3.09
CA SER A 33 -5.60 -20.28 -3.78
C SER A 33 -4.16 -20.53 -3.34
N GLY A 34 -3.72 -21.81 -3.42
CA GLY A 34 -2.39 -22.18 -2.96
C GLY A 34 -2.22 -21.84 -1.48
N GLY A 35 -3.25 -22.16 -0.69
CA GLY A 35 -3.38 -21.68 0.69
C GLY A 35 -2.78 -22.64 1.75
N ALA A 36 -2.25 -23.81 1.41
CA ALA A 36 -1.92 -24.76 2.47
C ALA A 36 -0.44 -24.67 2.88
N SER A 37 0.41 -23.95 2.14
CA SER A 37 1.83 -23.81 2.47
C SER A 37 2.36 -22.40 2.20
N GLY A 38 3.55 -22.07 2.74
CA GLY A 38 4.23 -20.81 2.41
C GLY A 38 3.38 -19.54 2.59
N ILE A 39 3.34 -18.73 1.53
CA ILE A 39 2.75 -17.42 1.71
C ILE A 39 1.24 -17.62 1.87
N GLY A 40 0.68 -18.49 1.05
CA GLY A 40 -0.77 -18.61 1.05
C GLY A 40 -1.24 -19.08 2.45
N ARG A 41 -0.39 -19.89 3.12
CA ARG A 41 -0.65 -20.37 4.47
C ARG A 41 -0.66 -19.21 5.44
N ALA A 42 0.31 -18.30 5.27
CA ALA A 42 0.31 -17.11 6.12
C ALA A 42 -0.95 -16.26 5.91
N PHE A 43 -1.48 -16.15 4.68
CA PHE A 43 -2.71 -15.39 4.47
C PHE A 43 -3.86 -16.07 5.20
N VAL A 44 -3.94 -17.40 5.07
CA VAL A 44 -5.03 -18.15 5.66
C VAL A 44 -5.01 -17.88 7.16
N GLU A 45 -3.83 -18.05 7.77
CA GLU A 45 -3.68 -17.82 9.21
C GLU A 45 -4.08 -16.38 9.62
N ALA A 46 -3.60 -15.38 8.84
CA ALA A 46 -3.79 -13.98 9.25
C ALA A 46 -5.28 -13.64 9.16
N PHE A 47 -5.96 -14.09 8.10
CA PHE A 47 -7.38 -13.71 8.05
C PHE A 47 -8.21 -14.42 9.12
N VAL A 48 -7.85 -15.68 9.43
CA VAL A 48 -8.57 -16.42 10.45
C VAL A 48 -8.44 -15.62 11.75
N ALA A 49 -7.22 -15.15 12.02
CA ALA A 49 -6.95 -14.39 13.26
C ALA A 49 -7.78 -13.10 13.34
N GLN A 50 -8.14 -12.48 12.24
CA GLN A 50 -8.98 -11.28 12.18
C GLN A 50 -10.47 -11.62 12.28
N GLY A 51 -10.79 -12.93 12.37
CA GLY A 51 -12.18 -13.33 12.47
C GLY A 51 -12.95 -13.46 11.15
N SER A 52 -12.22 -13.53 10.04
CA SER A 52 -12.78 -13.80 8.72
C SER A 52 -13.19 -15.29 8.63
N ARG A 53 -13.99 -15.60 7.62
CA ARG A 53 -14.35 -16.98 7.25
C ARG A 53 -13.52 -17.33 6.02
N VAL A 54 -12.52 -18.21 6.22
CA VAL A 54 -11.45 -18.33 5.22
C VAL A 54 -11.53 -19.71 4.55
N ALA A 55 -11.77 -19.70 3.22
CA ALA A 55 -11.71 -20.92 2.43
C ALA A 55 -10.38 -20.92 1.68
N PHE A 56 -9.71 -22.07 1.56
CA PHE A 56 -8.50 -22.05 0.76
C PHE A 56 -8.39 -23.31 -0.10
N LEU A 57 -7.70 -23.17 -1.25
CA LEU A 57 -7.54 -24.28 -2.21
C LEU A 57 -6.09 -24.72 -2.21
N ASP A 58 -5.80 -26.04 -2.34
CA ASP A 58 -4.44 -26.49 -2.56
C ASP A 58 -4.47 -27.88 -3.19
N LEU A 59 -3.40 -28.19 -3.95
CA LEU A 59 -3.17 -29.50 -4.50
C LEU A 59 -2.83 -30.47 -3.36
N ASP A 60 -2.10 -30.01 -2.33
CA ASP A 60 -1.62 -30.89 -1.26
C ASP A 60 -2.72 -31.11 -0.23
N ALA A 61 -3.43 -32.24 -0.30
CA ALA A 61 -4.59 -32.51 0.54
C ALA A 61 -4.20 -32.72 2.00
N GLU A 62 -3.06 -33.40 2.23
CA GLU A 62 -2.59 -33.68 3.59
C GLU A 62 -2.16 -32.39 4.30
N ALA A 63 -1.47 -31.52 3.57
CA ALA A 63 -1.08 -30.22 4.08
C ALA A 63 -2.32 -29.36 4.34
N GLY A 64 -3.31 -29.46 3.45
CA GLY A 64 -4.51 -28.64 3.57
C GLY A 64 -5.33 -29.02 4.80
N GLN A 65 -5.55 -30.34 4.92
CA GLN A 65 -6.30 -30.95 6.01
C GLN A 65 -5.56 -30.63 7.33
N GLY A 66 -4.23 -30.73 7.36
CA GLY A 66 -3.43 -30.37 8.51
C GLY A 66 -3.64 -28.92 8.95
N LEU A 67 -3.58 -27.98 8.01
CA LEU A 67 -3.70 -26.54 8.30
C LEU A 67 -5.11 -26.25 8.80
N ALA A 68 -6.14 -26.77 8.13
CA ALA A 68 -7.50 -26.58 8.62
C ALA A 68 -7.69 -27.24 10.01
N HIS A 69 -6.94 -28.32 10.32
CA HIS A 69 -7.10 -28.90 11.66
C HIS A 69 -6.61 -27.89 12.70
N ALA A 70 -5.45 -27.29 12.45
CA ALA A 70 -4.91 -26.28 13.36
C ALA A 70 -5.90 -25.11 13.55
N LEU A 71 -6.50 -24.59 12.46
CA LEU A 71 -7.17 -23.30 12.50
C LEU A 71 -8.64 -23.41 12.88
N GLY A 72 -9.22 -24.62 12.79
CA GLY A 72 -10.59 -24.87 13.23
C GLY A 72 -11.68 -24.37 12.26
N ALA A 73 -12.89 -24.17 12.83
CA ALA A 73 -14.15 -24.11 12.07
C ALA A 73 -14.32 -22.84 11.21
N ASN A 74 -13.57 -21.78 11.47
CA ASN A 74 -13.69 -20.68 10.53
C ASN A 74 -12.74 -20.85 9.36
N SER A 75 -12.05 -22.00 9.28
CA SER A 75 -11.30 -22.31 8.06
C SER A 75 -11.98 -23.42 7.27
N LEU A 76 -11.79 -23.45 5.95
CA LEU A 76 -12.38 -24.49 5.12
C LEU A 76 -11.43 -24.84 3.97
N PHE A 77 -10.91 -26.09 3.96
CA PHE A 77 -9.90 -26.57 3.03
C PHE A 77 -10.59 -27.30 1.88
N LEU A 78 -10.35 -26.84 0.64
CA LEU A 78 -10.89 -27.53 -0.54
C LEU A 78 -9.72 -28.06 -1.36
N PRO A 79 -9.63 -29.39 -1.58
CA PRO A 79 -8.69 -29.93 -2.56
C PRO A 79 -8.98 -29.38 -3.98
N CYS A 80 -7.99 -28.75 -4.63
CA CYS A 80 -8.27 -28.24 -5.96
C CYS A 80 -6.97 -28.17 -6.74
N ASP A 81 -7.00 -28.71 -7.97
CA ASP A 81 -5.94 -28.49 -8.95
C ASP A 81 -6.43 -27.33 -9.81
N VAL A 82 -5.70 -26.19 -9.72
CA VAL A 82 -6.15 -24.94 -10.34
C VAL A 82 -6.06 -24.99 -11.85
N ARG A 83 -5.39 -26.03 -12.39
CA ARG A 83 -5.37 -26.30 -13.83
C ARG A 83 -6.75 -26.77 -14.28
N ASP A 84 -7.53 -27.37 -13.34
CA ASP A 84 -8.87 -27.79 -13.67
C ASP A 84 -9.82 -26.63 -13.42
N ILE A 85 -10.20 -25.94 -14.47
CA ILE A 85 -11.07 -24.79 -14.32
C ILE A 85 -12.47 -25.17 -13.87
N GLU A 86 -13.00 -26.26 -14.44
CA GLU A 86 -14.27 -26.78 -13.91
C GLU A 86 -14.08 -26.89 -12.37
N ARG A 87 -12.96 -27.48 -11.84
CA ARG A 87 -13.00 -27.87 -10.37
C ARG A 87 -12.86 -26.54 -9.63
N LEU A 88 -12.03 -25.58 -10.18
CA LEU A 88 -11.91 -24.25 -9.62
C LEU A 88 -13.29 -23.63 -9.49
N LYS A 89 -14.09 -23.69 -10.57
CA LYS A 89 -15.39 -23.07 -10.42
C LYS A 89 -16.23 -23.88 -9.43
N ALA A 90 -16.01 -25.19 -9.33
CA ALA A 90 -16.85 -25.97 -8.42
C ALA A 90 -16.49 -25.55 -7.01
N CYS A 91 -15.17 -25.31 -6.75
CA CYS A 91 -14.70 -24.93 -5.44
C CYS A 91 -15.34 -23.61 -5.00
N VAL A 92 -15.44 -22.66 -5.94
CA VAL A 92 -16.01 -21.33 -5.68
C VAL A 92 -17.50 -21.47 -5.37
N ALA A 93 -18.21 -22.25 -6.17
CA ALA A 93 -19.67 -22.45 -5.99
C ALA A 93 -19.96 -23.04 -4.61
N GLU A 94 -19.05 -23.92 -4.14
CA GLU A 94 -19.27 -24.57 -2.86
C GLU A 94 -19.08 -23.60 -1.69
N VAL A 95 -18.05 -22.75 -1.81
CA VAL A 95 -17.86 -21.72 -0.82
C VAL A 95 -19.13 -20.86 -0.78
N GLU A 96 -19.63 -20.48 -1.97
CA GLU A 96 -20.76 -19.54 -2.04
C GLU A 96 -21.96 -20.14 -1.40
N ARG A 97 -22.18 -21.48 -1.63
CA ARG A 97 -23.38 -22.10 -1.07
C ARG A 97 -23.22 -22.21 0.45
N THR A 98 -22.00 -22.48 0.94
CA THR A 98 -21.78 -22.56 2.38
C THR A 98 -21.90 -21.20 3.07
N TRP A 99 -21.29 -20.13 2.54
CA TRP A 99 -21.01 -18.91 3.31
C TRP A 99 -21.58 -17.62 2.68
N GLY A 100 -22.16 -17.68 1.46
CA GLY A 100 -22.52 -16.44 0.75
C GLY A 100 -21.40 -15.93 -0.17
N ALA A 101 -21.66 -14.84 -0.93
CA ALA A 101 -20.69 -14.31 -1.89
C ALA A 101 -19.30 -14.10 -1.27
N VAL A 102 -18.21 -14.43 -2.01
CA VAL A 102 -16.86 -14.10 -1.55
C VAL A 102 -16.71 -12.58 -1.41
N ASP A 103 -16.10 -12.14 -0.27
CA ASP A 103 -15.79 -10.74 -0.09
C ASP A 103 -14.40 -10.43 -0.64
N VAL A 104 -13.47 -11.39 -0.45
CA VAL A 104 -12.08 -11.18 -0.73
C VAL A 104 -11.49 -12.37 -1.48
N LEU A 105 -10.98 -12.14 -2.70
CA LEU A 105 -10.29 -13.25 -3.40
C LEU A 105 -8.80 -12.95 -3.45
N ILE A 106 -7.97 -13.93 -3.10
CA ILE A 106 -6.55 -13.77 -3.27
C ILE A 106 -6.06 -14.84 -4.26
N ASN A 107 -5.62 -14.39 -5.44
CA ASN A 107 -5.10 -15.30 -6.44
C ASN A 107 -3.60 -15.49 -6.18
N ASN A 108 -3.26 -16.56 -5.49
CA ASN A 108 -1.90 -16.81 -4.98
C ASN A 108 -1.22 -18.06 -5.58
N ALA A 109 -1.98 -19.05 -6.09
CA ALA A 109 -1.35 -20.30 -6.56
C ALA A 109 -0.43 -19.98 -7.74
N ALA A 110 0.78 -20.52 -7.76
CA ALA A 110 1.72 -20.36 -8.84
C ALA A 110 2.79 -21.42 -8.67
N ARG A 111 3.63 -21.62 -9.69
CA ARG A 111 4.76 -22.53 -9.61
C ARG A 111 5.98 -21.81 -10.18
N ASP A 112 7.04 -21.72 -9.37
CA ASP A 112 8.14 -20.82 -9.69
C ASP A 112 9.41 -21.59 -10.04
N ASP A 113 9.28 -22.79 -10.63
CA ASP A 113 10.46 -23.56 -10.94
C ASP A 113 11.29 -22.83 -12.02
N ARG A 114 12.62 -22.98 -11.99
CA ARG A 114 13.56 -22.35 -12.93
C ARG A 114 13.56 -23.14 -14.24
N HIS A 115 13.82 -22.50 -15.38
CA HIS A 115 13.84 -23.18 -16.67
C HIS A 115 14.47 -22.18 -17.66
N ALA A 116 15.60 -22.56 -18.22
CA ALA A 116 16.28 -21.93 -19.34
C ALA A 116 15.36 -21.77 -20.56
N LEU A 117 15.43 -20.59 -21.21
CA LEU A 117 14.63 -20.32 -22.38
C LEU A 117 14.73 -21.42 -23.45
N ALA A 118 15.93 -21.98 -23.67
CA ALA A 118 16.12 -22.88 -24.80
C ALA A 118 15.49 -24.22 -24.47
N ASP A 119 15.18 -24.49 -23.20
CA ASP A 119 14.65 -25.75 -22.73
C ASP A 119 13.13 -25.86 -22.80
N VAL A 120 12.40 -24.76 -22.95
CA VAL A 120 10.96 -24.72 -22.83
C VAL A 120 10.28 -25.31 -24.06
N SER A 121 9.43 -26.30 -23.85
CA SER A 121 8.63 -26.96 -24.89
C SER A 121 7.26 -26.28 -24.83
N VAL A 122 6.42 -26.56 -25.86
CA VAL A 122 5.07 -26.02 -25.90
C VAL A 122 4.26 -26.55 -24.72
N GLU A 123 4.40 -27.88 -24.46
CA GLU A 123 3.70 -28.54 -23.37
C GLU A 123 4.03 -27.87 -22.04
N TYR A 124 5.34 -27.57 -21.81
CA TYR A 124 5.73 -26.94 -20.56
C TYR A 124 5.14 -25.54 -20.40
N TRP A 125 5.29 -24.73 -21.45
CA TRP A 125 4.75 -23.36 -21.52
C TRP A 125 3.25 -23.38 -21.17
N ASP A 126 2.47 -24.24 -21.86
CA ASP A 126 1.02 -24.29 -21.67
C ASP A 126 0.74 -24.65 -20.22
N GLU A 127 1.44 -25.67 -19.69
CA GLU A 127 1.17 -26.12 -18.32
C GLU A 127 1.48 -24.99 -17.29
N ARG A 128 2.58 -24.25 -17.50
CA ARG A 128 2.93 -23.17 -16.58
C ARG A 128 1.96 -21.98 -16.70
N MET A 129 1.45 -21.67 -17.91
CA MET A 129 0.43 -20.62 -18.05
C MET A 129 -0.86 -21.05 -17.34
N GLN A 130 -1.14 -22.34 -17.36
CA GLN A 130 -2.31 -22.85 -16.67
C GLN A 130 -2.19 -22.68 -15.14
N THR A 131 -1.02 -23.03 -14.57
CA THR A 131 -0.76 -23.04 -13.12
C THR A 131 -0.52 -21.60 -12.57
N ASN A 132 0.00 -20.73 -13.44
CA ASN A 132 0.45 -19.40 -12.98
C ASN A 132 -0.54 -18.27 -13.31
N LEU A 133 -1.34 -18.38 -14.38
CA LEU A 133 -2.05 -17.20 -14.83
C LEU A 133 -3.55 -17.50 -14.99
N ARG A 134 -3.88 -18.61 -15.71
CA ARG A 134 -5.24 -18.81 -16.23
C ARG A 134 -6.28 -18.84 -15.07
N HIS A 135 -5.95 -19.54 -14.00
CA HIS A 135 -6.87 -19.70 -12.85
C HIS A 135 -7.24 -18.36 -12.22
N ALA A 136 -6.30 -17.40 -12.31
CA ALA A 136 -6.50 -16.13 -11.62
C ALA A 136 -7.64 -15.39 -12.33
N PHE A 137 -7.72 -15.51 -13.66
CA PHE A 137 -8.77 -14.86 -14.42
C PHE A 137 -10.08 -15.58 -14.08
N PHE A 138 -10.01 -16.90 -14.10
CA PHE A 138 -11.25 -17.68 -13.98
C PHE A 138 -11.83 -17.52 -12.54
N ALA A 139 -10.95 -17.42 -11.55
CA ALA A 139 -11.41 -17.20 -10.17
C ALA A 139 -12.08 -15.84 -10.02
N ALA A 140 -11.50 -14.82 -10.70
CA ALA A 140 -12.06 -13.49 -10.58
C ALA A 140 -13.40 -13.52 -11.28
N GLN A 141 -13.44 -14.23 -12.43
CA GLN A 141 -14.69 -14.34 -13.17
C GLN A 141 -15.76 -15.02 -12.31
N ALA A 142 -15.37 -16.03 -11.51
CA ALA A 142 -16.33 -16.81 -10.74
C ALA A 142 -16.89 -16.00 -9.57
N VAL A 143 -16.02 -15.25 -8.88
CA VAL A 143 -16.44 -14.53 -7.69
C VAL A 143 -17.17 -13.25 -8.06
N ALA A 144 -16.90 -12.70 -9.24
CA ALA A 144 -17.40 -11.36 -9.56
C ALA A 144 -18.92 -11.29 -9.44
N PRO A 145 -19.75 -12.14 -10.07
CA PRO A 145 -21.18 -11.86 -10.06
C PRO A 145 -21.76 -11.77 -8.66
N GLY A 146 -21.22 -12.58 -7.73
CA GLY A 146 -21.76 -12.54 -6.35
C GLY A 146 -21.36 -11.25 -5.64
N MET A 147 -20.10 -10.79 -5.93
CA MET A 147 -19.63 -9.53 -5.40
C MET A 147 -20.51 -8.40 -5.92
N ALA A 148 -20.82 -8.40 -7.22
CA ALA A 148 -21.63 -7.34 -7.85
C ALA A 148 -23.04 -7.33 -7.30
N ARG A 149 -23.64 -8.49 -7.06
CA ARG A 149 -24.99 -8.55 -6.48
C ARG A 149 -24.96 -7.79 -5.14
N ARG A 150 -23.89 -7.96 -4.36
CA ARG A 150 -23.81 -7.32 -3.04
C ARG A 150 -23.49 -5.85 -3.22
N GLY A 151 -22.65 -5.49 -4.20
CA GLY A 151 -22.22 -4.10 -4.34
C GLY A 151 -20.81 -3.87 -3.85
N SER A 152 -20.05 -4.94 -3.51
CA SER A 152 -18.74 -4.72 -2.92
C SER A 152 -17.89 -5.97 -3.06
N GLY A 153 -16.55 -5.79 -3.03
CA GLY A 153 -15.67 -6.94 -2.96
C GLY A 153 -14.25 -6.50 -3.30
N ALA A 154 -13.29 -7.39 -3.03
CA ALA A 154 -11.90 -7.05 -3.29
C ALA A 154 -11.15 -8.25 -3.82
N ILE A 155 -10.22 -8.01 -4.76
CA ILE A 155 -9.42 -9.07 -5.37
C ILE A 155 -7.96 -8.65 -5.20
N ILE A 156 -7.11 -9.60 -4.81
CA ILE A 156 -5.69 -9.33 -4.69
C ILE A 156 -5.02 -10.31 -5.64
N ASN A 157 -4.28 -9.84 -6.67
CA ASN A 157 -3.52 -10.76 -7.53
C ASN A 157 -2.09 -10.77 -6.99
N MET A 158 -1.53 -11.92 -6.61
CA MET A 158 -0.14 -11.97 -6.23
C MET A 158 0.74 -11.80 -7.46
N GLY A 159 1.57 -10.73 -7.38
CA GLY A 159 2.44 -10.36 -8.49
C GLY A 159 3.85 -10.70 -8.05
N SER A 160 4.82 -10.12 -8.76
CA SER A 160 6.22 -10.48 -8.48
C SER A 160 7.12 -9.36 -9.03
N ILE A 161 8.17 -9.03 -8.24
CA ILE A 161 9.14 -8.03 -8.73
C ILE A 161 10.09 -8.63 -9.77
N SER A 162 10.05 -9.96 -9.93
CA SER A 162 10.98 -10.66 -10.81
C SER A 162 10.86 -10.12 -12.25
N TRP A 163 9.64 -9.82 -12.75
CA TRP A 163 9.62 -9.36 -14.13
C TRP A 163 9.99 -7.90 -14.24
N MET A 164 9.69 -7.14 -13.17
CA MET A 164 10.10 -5.75 -13.13
C MET A 164 11.62 -5.66 -13.19
N ARG A 165 12.32 -6.58 -12.49
CA ARG A 165 13.76 -6.56 -12.41
C ARG A 165 14.36 -7.34 -13.58
N GLY A 166 13.51 -7.77 -14.56
CA GLY A 166 13.98 -8.45 -15.77
C GLY A 166 14.76 -9.72 -15.41
N ARG A 167 14.29 -10.44 -14.39
CA ARG A 167 15.08 -11.60 -13.93
C ARG A 167 15.03 -12.74 -14.93
N PRO A 168 16.19 -13.32 -15.34
CA PRO A 168 16.22 -14.37 -16.33
C PRO A 168 16.01 -15.76 -15.74
N GLY A 169 15.79 -16.74 -16.60
CA GLY A 169 15.87 -18.17 -16.27
C GLY A 169 14.53 -18.71 -15.72
N MET A 170 13.41 -17.98 -15.84
CA MET A 170 12.13 -18.51 -15.42
C MET A 170 11.03 -17.85 -16.22
N VAL A 171 11.25 -17.81 -17.56
CA VAL A 171 10.42 -17.02 -18.47
C VAL A 171 8.92 -17.31 -18.25
N CYS A 172 8.48 -18.58 -18.00
CA CYS A 172 7.02 -18.77 -17.93
C CYS A 172 6.40 -18.10 -16.69
N TYR A 173 7.08 -18.24 -15.54
CA TYR A 173 6.70 -17.59 -14.27
C TYR A 173 6.68 -16.08 -14.38
N THR A 174 7.73 -15.50 -14.95
CA THR A 174 7.85 -14.04 -14.90
C THR A 174 6.85 -13.43 -15.92
N THR A 175 6.59 -14.15 -17.02
CA THR A 175 5.68 -13.67 -18.04
C THR A 175 4.25 -13.75 -17.54
N ALA A 176 3.93 -14.84 -16.81
CA ALA A 176 2.62 -14.95 -16.15
C ALA A 176 2.47 -13.83 -15.13
N LYS A 177 3.50 -13.59 -14.33
CA LYS A 177 3.38 -12.51 -13.36
C LYS A 177 3.14 -11.15 -14.07
N ALA A 178 3.90 -10.83 -15.13
CA ALA A 178 3.68 -9.59 -15.85
C ALA A 178 2.26 -9.50 -16.43
N ALA A 179 1.73 -10.66 -16.91
CA ALA A 179 0.36 -10.74 -17.36
C ALA A 179 -0.61 -10.24 -16.27
N LEU A 180 -0.41 -10.74 -15.04
CA LEU A 180 -1.33 -10.40 -13.93
C LEU A 180 -1.26 -8.91 -13.57
N ASN A 181 -0.09 -8.26 -13.82
CA ASN A 181 0.05 -6.83 -13.60
C ASN A 181 -0.94 -6.10 -14.47
N GLY A 182 -1.07 -6.54 -15.75
CA GLY A 182 -1.98 -5.88 -16.66
C GLY A 182 -3.42 -6.25 -16.32
N MET A 183 -3.65 -7.55 -16.05
CA MET A 183 -5.00 -7.98 -15.70
C MET A 183 -5.57 -7.21 -14.49
N THR A 184 -4.71 -6.85 -13.52
CA THR A 184 -5.21 -6.00 -12.40
C THR A 184 -5.84 -4.69 -12.93
N ARG A 185 -5.10 -3.98 -13.82
CA ARG A 185 -5.52 -2.65 -14.28
C ARG A 185 -6.83 -2.79 -15.05
N THR A 186 -6.93 -3.78 -15.99
CA THR A 186 -8.16 -3.79 -16.83
C THR A 186 -9.38 -4.33 -16.03
N LEU A 187 -9.15 -5.31 -15.12
CA LEU A 187 -10.31 -5.78 -14.38
C LEU A 187 -10.74 -4.67 -13.41
N ALA A 188 -9.78 -3.83 -12.93
CA ALA A 188 -10.19 -2.74 -12.04
C ALA A 188 -11.23 -1.82 -12.70
N ARG A 189 -11.05 -1.52 -14.01
CA ARG A 189 -12.05 -0.74 -14.77
C ARG A 189 -13.30 -1.58 -14.99
N GLU A 190 -13.10 -2.85 -15.39
CA GLU A 190 -14.23 -3.68 -15.81
C GLU A 190 -15.20 -3.87 -14.63
N LEU A 191 -14.68 -3.95 -13.36
CA LEU A 191 -15.55 -4.37 -12.26
C LEU A 191 -15.78 -3.23 -11.25
N GLY A 192 -15.02 -2.13 -11.37
CA GLY A 192 -15.07 -1.07 -10.36
C GLY A 192 -16.51 -0.54 -10.20
N GLY A 193 -17.24 -0.43 -11.33
CA GLY A 193 -18.58 0.16 -11.21
C GLY A 193 -19.49 -0.77 -10.45
N GLN A 194 -19.12 -2.05 -10.32
CA GLN A 194 -19.94 -2.94 -9.51
C GLN A 194 -19.49 -2.95 -8.03
N GLY A 195 -18.54 -2.07 -7.67
CA GLY A 195 -18.06 -1.98 -6.29
C GLY A 195 -16.89 -2.90 -5.96
N ILE A 196 -16.22 -3.48 -6.97
CA ILE A 196 -15.13 -4.41 -6.69
C ILE A 196 -13.81 -3.69 -7.01
N ARG A 197 -12.86 -3.78 -6.08
CA ARG A 197 -11.56 -3.20 -6.25
C ARG A 197 -10.59 -4.37 -6.45
N ILE A 198 -9.61 -4.15 -7.33
CA ILE A 198 -8.66 -5.21 -7.65
C ILE A 198 -7.29 -4.56 -7.58
N ASN A 199 -6.34 -5.17 -6.84
CA ASN A 199 -5.01 -4.59 -6.77
C ASN A 199 -4.03 -5.75 -6.80
N SER A 200 -2.78 -5.49 -7.04
CA SER A 200 -1.78 -6.55 -6.99
CA SER A 200 -1.77 -6.54 -7.02
C SER A 200 -0.85 -6.34 -5.81
N LEU A 201 -0.60 -7.44 -5.07
CA LEU A 201 0.33 -7.47 -3.94
C LEU A 201 1.62 -8.03 -4.53
N VAL A 202 2.72 -7.26 -4.46
CA VAL A 202 3.89 -7.65 -5.26
C VAL A 202 5.06 -7.84 -4.27
N PRO A 203 5.37 -9.08 -3.87
CA PRO A 203 6.44 -9.35 -2.93
C PRO A 203 7.84 -9.31 -3.54
N GLY A 204 8.80 -9.11 -2.64
CA GLY A 204 10.21 -9.22 -3.00
C GLY A 204 10.65 -10.64 -2.75
N ALA A 205 11.89 -10.79 -2.28
CA ALA A 205 12.40 -12.09 -1.93
C ALA A 205 12.01 -12.49 -0.51
N ILE A 206 10.96 -13.33 -0.45
CA ILE A 206 10.35 -13.78 0.78
C ILE A 206 11.01 -15.06 1.27
N ARG A 207 11.58 -15.06 2.49
CA ARG A 207 12.12 -16.30 3.09
C ARG A 207 10.94 -17.21 3.45
N THR A 208 10.94 -18.47 2.96
CA THR A 208 9.92 -19.46 3.30
C THR A 208 10.61 -20.81 3.65
N GLU A 209 9.94 -21.66 4.44
CA GLU A 209 10.45 -23.02 4.77
C GLU A 209 10.66 -23.89 3.53
N ARG A 210 9.91 -23.64 2.43
CA ARG A 210 10.00 -24.31 1.14
C ARG A 210 11.23 -23.87 0.32
N GLN A 211 11.49 -22.55 0.23
CA GLN A 211 12.71 -22.01 -0.38
C GLN A 211 13.95 -22.49 0.38
N ASP A 212 13.78 -22.71 1.70
CA ASP A 212 14.86 -23.10 2.61
C ASP A 212 15.08 -24.63 2.60
N ALA A 213 14.01 -25.42 2.41
CA ALA A 213 14.15 -26.87 2.31
C ALA A 213 15.06 -27.26 1.13
N MET A 214 15.19 -26.34 0.15
CA MET A 214 15.84 -26.55 -1.14
C MET A 214 17.38 -26.56 -1.05
N TRP A 215 17.94 -26.31 0.15
CA TRP A 215 19.38 -26.19 0.38
C TRP A 215 19.83 -27.01 1.61
N ALA A 216 19.06 -28.03 2.04
CA ALA A 216 19.19 -28.65 3.36
C ALA A 216 20.53 -29.34 3.57
N ALA A 217 21.42 -29.28 2.56
CA ALA A 217 22.73 -29.90 2.59
C ALA A 217 23.83 -28.89 2.24
N ASP A 218 23.46 -27.61 2.13
CA ASP A 218 24.36 -26.52 1.81
C ASP A 218 23.99 -25.29 2.65
N PRO A 219 24.31 -25.31 3.98
CA PRO A 219 23.87 -24.22 4.87
C PRO A 219 24.64 -22.94 4.55
N ALA A 220 25.92 -23.13 4.15
CA ALA A 220 26.77 -22.05 3.68
C ALA A 220 26.10 -21.34 2.50
N GLY A 221 25.57 -22.14 1.57
CA GLY A 221 25.03 -21.64 0.31
C GLY A 221 23.74 -20.86 0.58
N LEU A 222 22.92 -21.43 1.48
CA LEU A 222 21.68 -20.76 1.87
C LEU A 222 21.98 -19.36 2.43
N GLU A 223 22.93 -19.32 3.40
CA GLU A 223 23.27 -18.12 4.18
C GLU A 223 23.85 -17.04 3.23
N ALA A 224 24.69 -17.50 2.29
CA ALA A 224 25.32 -16.68 1.27
C ALA A 224 24.23 -15.98 0.45
N ALA A 225 23.24 -16.77 0.00
CA ALA A 225 22.19 -16.28 -0.87
C ALA A 225 21.31 -15.33 -0.06
N SER A 226 21.11 -15.66 1.23
CA SER A 226 20.28 -14.80 2.07
C SER A 226 20.91 -13.40 2.18
N GLN A 227 22.23 -13.40 2.45
CA GLN A 227 22.97 -12.17 2.67
C GLN A 227 23.05 -11.36 1.39
N ALA A 228 23.00 -12.04 0.24
CA ALA A 228 23.07 -11.36 -1.03
C ALA A 228 21.78 -10.55 -1.18
N PHE A 229 20.63 -11.13 -0.78
CA PHE A 229 19.42 -10.35 -0.78
C PHE A 229 19.55 -9.14 0.13
N ILE A 230 20.11 -9.31 1.32
CA ILE A 230 20.22 -8.22 2.29
C ILE A 230 21.11 -7.10 1.73
N ASP A 231 22.19 -7.49 1.02
CA ASP A 231 23.12 -6.50 0.51
C ASP A 231 22.46 -5.74 -0.64
N GLN A 232 21.59 -6.40 -1.39
CA GLN A 232 20.98 -5.75 -2.55
C GLN A 232 19.80 -4.90 -2.13
N GLN A 233 19.15 -5.35 -1.05
CA GLN A 233 18.00 -4.60 -0.55
C GLN A 233 18.42 -3.26 0.04
N MET A 234 17.45 -2.34 0.21
CA MET A 234 17.68 -1.05 0.86
C MET A 234 17.58 -1.29 2.36
N LEU A 235 16.60 -2.11 2.79
CA LEU A 235 16.44 -2.48 4.21
C LEU A 235 17.21 -3.77 4.50
N LYS A 236 17.96 -3.78 5.60
CA LYS A 236 18.98 -4.82 5.76
C LYS A 236 18.48 -5.94 6.70
N PHE A 237 17.28 -6.45 6.38
CA PHE A 237 16.78 -7.68 7.05
C PHE A 237 16.02 -8.49 5.98
N ARG A 238 15.72 -9.77 6.26
CA ARG A 238 15.03 -10.63 5.32
C ARG A 238 13.54 -10.47 5.55
N LEU A 239 12.80 -10.35 4.44
CA LEU A 239 11.34 -10.38 4.53
C LEU A 239 10.85 -11.81 4.68
N ASP A 240 9.66 -11.98 5.29
CA ASP A 240 9.06 -13.30 5.44
C ASP A 240 7.57 -13.23 5.10
N ALA A 241 6.89 -14.39 5.23
CA ALA A 241 5.50 -14.47 4.84
C ALA A 241 4.59 -13.49 5.58
N SER A 242 4.95 -13.14 6.83
CA SER A 242 4.17 -12.22 7.63
C SER A 242 4.17 -10.85 6.94
N ASP A 243 5.30 -10.52 6.30
CA ASP A 243 5.30 -9.19 5.65
C ASP A 243 4.25 -9.19 4.58
N CYS A 244 4.15 -10.31 3.84
CA CYS A 244 3.12 -10.33 2.79
C CYS A 244 1.71 -10.29 3.39
N ALA A 245 1.52 -11.01 4.47
CA ALA A 245 0.18 -11.11 5.05
C ALA A 245 -0.25 -9.77 5.65
N ARG A 246 0.69 -9.02 6.26
CA ARG A 246 0.37 -7.67 6.77
C ARG A 246 -0.22 -6.80 5.65
N LEU A 247 0.37 -6.91 4.47
CA LEU A 247 -0.05 -6.08 3.36
C LEU A 247 -1.41 -6.58 2.87
N ALA A 248 -1.60 -7.92 2.83
CA ALA A 248 -2.87 -8.44 2.34
C ALA A 248 -4.03 -8.03 3.24
N LEU A 249 -3.82 -8.00 4.58
CA LEU A 249 -4.94 -7.62 5.45
C LEU A 249 -5.38 -6.19 5.09
N PHE A 250 -4.40 -5.31 4.89
CA PHE A 250 -4.68 -3.92 4.56
C PHE A 250 -5.47 -3.85 3.25
N LEU A 251 -5.02 -4.60 2.19
CA LEU A 251 -5.65 -4.54 0.85
C LEU A 251 -7.05 -5.13 0.83
N ALA A 252 -7.34 -5.97 1.85
CA ALA A 252 -8.70 -6.53 1.94
C ALA A 252 -9.63 -5.69 2.81
N SER A 253 -9.08 -4.89 3.73
CA SER A 253 -9.88 -4.23 4.75
C SER A 253 -10.56 -2.96 4.18
N ASP A 254 -11.50 -2.33 4.94
CA ASP A 254 -12.05 -1.06 4.50
C ASP A 254 -11.00 0.05 4.51
N ASP A 255 -9.83 -0.14 5.15
CA ASP A 255 -8.81 0.89 5.13
C ASP A 255 -8.28 1.14 3.70
N SER A 256 -8.58 0.22 2.74
CA SER A 256 -8.05 0.44 1.41
C SER A 256 -9.20 0.60 0.41
N ARG A 257 -10.39 1.02 0.89
CA ARG A 257 -11.60 0.96 0.07
C ARG A 257 -11.55 1.83 -1.19
N GLY A 258 -10.72 2.89 -1.16
CA GLY A 258 -10.53 3.75 -2.32
C GLY A 258 -9.39 3.36 -3.26
N CYS A 259 -8.71 2.28 -2.98
CA CYS A 259 -7.50 1.90 -3.72
C CYS A 259 -7.90 0.84 -4.79
N THR A 260 -7.62 1.11 -6.08
CA THR A 260 -7.83 0.00 -7.01
C THR A 260 -6.97 0.21 -8.24
N GLY A 261 -6.67 -0.91 -8.91
CA GLY A 261 -5.93 -0.93 -10.19
C GLY A 261 -4.43 -0.81 -9.97
N GLN A 262 -3.99 -0.91 -8.70
CA GLN A 262 -2.63 -0.53 -8.30
C GLN A 262 -1.73 -1.67 -7.84
N ASN A 263 -0.42 -1.49 -7.97
CA ASN A 263 0.54 -2.40 -7.39
C ASN A 263 0.90 -1.84 -6.01
N PHE A 264 1.09 -2.74 -5.02
CA PHE A 264 1.57 -2.39 -3.69
C PHE A 264 2.77 -3.36 -3.52
N VAL A 265 3.97 -2.79 -3.41
CA VAL A 265 5.13 -3.66 -3.48
C VAL A 265 5.82 -3.69 -2.09
N VAL A 266 6.08 -4.92 -1.60
CA VAL A 266 6.64 -5.13 -0.30
C VAL A 266 7.94 -5.90 -0.55
N ASP A 267 9.09 -5.21 -0.70
CA ASP A 267 10.27 -5.90 -1.23
C ASP A 267 11.53 -5.32 -0.60
N ALA A 268 11.43 -4.45 0.43
CA ALA A 268 12.63 -3.95 1.14
C ALA A 268 13.58 -3.24 0.15
N GLY A 269 13.01 -2.73 -0.97
CA GLY A 269 13.81 -1.99 -1.95
C GLY A 269 14.53 -2.87 -3.01
N LEU A 270 14.30 -4.22 -3.07
CA LEU A 270 15.13 -5.07 -3.96
C LEU A 270 14.84 -4.72 -5.44
N SER A 271 13.66 -4.17 -5.74
CA SER A 271 13.33 -3.84 -7.13
C SER A 271 13.96 -2.53 -7.63
N ILE A 272 14.71 -1.80 -6.80
CA ILE A 272 15.24 -0.48 -7.17
C ILE A 272 16.75 -0.50 -6.90
N GLN A 273 17.49 -1.00 -7.86
CA GLN A 273 18.92 -1.14 -7.62
C GLN A 273 19.73 -0.61 -8.79
N ASN B 15 -12.69 12.58 15.49
CA ASN B 15 -12.54 11.87 14.17
C ASN B 15 -11.31 10.93 14.17
N ARG B 16 -11.64 9.62 14.16
CA ARG B 16 -10.70 8.52 14.24
C ARG B 16 -10.22 8.24 12.81
N HIS B 17 -11.09 8.54 11.79
CA HIS B 17 -10.81 8.23 10.37
C HIS B 17 -10.95 6.75 10.03
N THR B 18 -10.80 5.84 11.00
CA THR B 18 -10.93 4.39 10.77
C THR B 18 -11.37 3.76 12.10
N ASP B 19 -11.89 2.49 12.06
CA ASP B 19 -12.01 1.71 13.25
C ASP B 19 -10.84 0.74 13.46
N THR B 20 -9.90 0.68 12.51
CA THR B 20 -8.74 -0.20 12.66
C THR B 20 -7.85 0.36 13.79
N HIS B 21 -7.17 -0.56 14.53
CA HIS B 21 -6.36 -0.23 15.70
C HIS B 21 -4.97 -0.79 15.42
N TYR B 22 -3.99 0.10 15.34
CA TYR B 22 -2.61 -0.30 15.15
C TYR B 22 -1.85 -0.13 16.47
N PRO B 23 -1.69 -1.16 17.30
CA PRO B 23 -0.85 -1.04 18.50
C PRO B 23 0.56 -0.50 18.22
N SER B 24 1.11 -0.80 17.04
CA SER B 24 2.49 -0.33 16.80
C SER B 24 2.60 1.21 16.67
N LEU B 25 1.49 1.94 16.56
CA LEU B 25 1.50 3.39 16.48
C LEU B 25 1.52 4.09 17.85
N ALA B 26 1.19 3.34 18.89
CA ALA B 26 1.03 3.96 20.22
C ALA B 26 2.36 4.61 20.63
N ASP B 27 2.35 5.85 21.17
CA ASP B 27 3.55 6.47 21.67
C ASP B 27 4.52 6.94 20.58
N LYS B 28 4.35 6.54 19.31
CA LYS B 28 5.28 6.97 18.26
C LYS B 28 5.19 8.47 18.07
N VAL B 29 6.32 9.07 17.76
CA VAL B 29 6.35 10.52 17.61
C VAL B 29 6.19 10.80 16.12
N VAL B 30 5.12 11.55 15.74
CA VAL B 30 4.78 11.70 14.34
C VAL B 30 4.85 13.19 14.10
N LEU B 31 5.48 13.65 12.99
CA LEU B 31 5.66 15.06 12.66
C LEU B 31 5.09 15.30 11.26
N ILE B 32 4.08 16.19 11.17
CA ILE B 32 3.33 16.37 9.93
C ILE B 32 3.43 17.87 9.58
N SER B 33 3.94 18.16 8.37
CA SER B 33 3.90 19.56 7.89
C SER B 33 2.55 19.83 7.24
N GLY B 34 2.13 21.11 7.23
CA GLY B 34 0.81 21.46 6.75
C GLY B 34 -0.29 20.73 7.50
N GLY B 35 -0.17 20.64 8.85
CA GLY B 35 -1.08 19.82 9.61
C GLY B 35 -2.34 20.48 10.16
N ALA B 36 -2.59 21.79 9.91
CA ALA B 36 -3.70 22.42 10.64
C ALA B 36 -5.06 22.37 9.92
N SER B 37 -5.04 22.10 8.61
CA SER B 37 -6.25 22.05 7.80
C SER B 37 -6.16 20.93 6.74
N GLY B 38 -7.32 20.57 6.16
CA GLY B 38 -7.33 19.69 4.98
C GLY B 38 -6.79 18.30 5.32
N ILE B 39 -5.97 17.74 4.39
CA ILE B 39 -5.54 16.39 4.54
C ILE B 39 -4.60 16.27 5.75
N GLY B 40 -3.74 17.30 5.90
CA GLY B 40 -2.77 17.19 6.97
C GLY B 40 -3.48 17.15 8.34
N ARG B 41 -4.66 17.84 8.44
CA ARG B 41 -5.46 17.82 9.66
C ARG B 41 -5.99 16.43 9.93
N ALA B 42 -6.40 15.75 8.87
CA ALA B 42 -6.89 14.43 9.05
C ALA B 42 -5.76 13.49 9.50
N PHE B 43 -4.52 13.70 9.04
CA PHE B 43 -3.43 12.88 9.54
C PHE B 43 -3.25 13.11 11.03
N VAL B 44 -3.27 14.39 11.44
CA VAL B 44 -3.04 14.73 12.84
C VAL B 44 -4.09 14.02 13.68
N GLU B 45 -5.36 14.16 13.31
CA GLU B 45 -6.45 13.54 14.04
C GLU B 45 -6.30 12.01 14.12
N ALA B 46 -5.94 11.37 12.98
CA ALA B 46 -5.92 9.91 12.91
C ALA B 46 -4.79 9.44 13.82
N PHE B 47 -3.62 10.06 13.74
CA PHE B 47 -2.55 9.48 14.57
C PHE B 47 -2.79 9.77 16.05
N VAL B 48 -3.40 10.89 16.37
CA VAL B 48 -3.67 11.16 17.79
C VAL B 48 -4.61 10.05 18.29
N ALA B 49 -5.64 9.72 17.51
CA ALA B 49 -6.58 8.65 17.86
C ALA B 49 -5.87 7.29 18.09
N GLN B 50 -4.76 6.99 17.41
CA GLN B 50 -4.04 5.71 17.56
C GLN B 50 -3.09 5.80 18.78
N GLY B 51 -3.10 6.93 19.49
CA GLY B 51 -2.24 7.02 20.67
C GLY B 51 -0.81 7.51 20.37
N SER B 52 -0.53 7.99 19.12
CA SER B 52 0.76 8.62 18.79
C SER B 52 0.93 9.99 19.50
N ARG B 53 2.19 10.47 19.58
CA ARG B 53 2.52 11.82 19.99
C ARG B 53 2.78 12.63 18.72
N VAL B 54 1.88 13.54 18.40
CA VAL B 54 1.81 14.13 17.05
C VAL B 54 2.17 15.63 17.13
N ALA B 55 3.30 15.98 16.49
CA ALA B 55 3.64 17.39 16.38
C ALA B 55 3.25 17.80 14.94
N PHE B 56 2.73 19.01 14.74
CA PHE B 56 2.45 19.39 13.36
C PHE B 56 2.82 20.86 13.17
N LEU B 57 3.20 21.16 11.91
CA LEU B 57 3.60 22.54 11.56
C LEU B 57 2.57 23.11 10.61
N ASP B 58 2.30 24.43 10.70
CA ASP B 58 1.47 25.08 9.71
C ASP B 58 1.76 26.58 9.75
N LEU B 59 1.48 27.25 8.62
CA LEU B 59 1.59 28.69 8.56
C LEU B 59 0.46 29.30 9.36
N ASP B 60 -0.75 28.69 9.37
CA ASP B 60 -1.92 29.31 10.00
C ASP B 60 -1.88 29.08 11.51
N ALA B 61 -1.41 30.07 12.31
CA ALA B 61 -1.17 29.87 13.74
C ALA B 61 -2.50 29.67 14.47
N GLU B 62 -3.55 30.43 14.06
CA GLU B 62 -4.85 30.39 14.70
C GLU B 62 -5.50 29.02 14.49
N ALA B 63 -5.42 28.50 13.25
CA ALA B 63 -5.95 27.18 12.98
C ALA B 63 -5.12 26.13 13.75
N GLY B 64 -3.80 26.31 13.80
CA GLY B 64 -2.94 25.29 14.40
C GLY B 64 -3.20 25.19 15.93
N GLN B 65 -3.28 26.33 16.54
CA GLN B 65 -3.50 26.48 17.97
C GLN B 65 -4.87 25.89 18.29
N GLY B 66 -5.90 26.22 17.49
CA GLY B 66 -7.24 25.70 17.66
C GLY B 66 -7.20 24.16 17.67
N LEU B 67 -6.55 23.56 16.64
CA LEU B 67 -6.54 22.12 16.49
C LEU B 67 -5.76 21.45 17.63
N ALA B 68 -4.59 21.98 18.03
CA ALA B 68 -3.86 21.39 19.13
C ALA B 68 -4.61 21.52 20.46
N HIS B 69 -5.29 22.64 20.71
CA HIS B 69 -6.10 22.78 21.90
C HIS B 69 -7.22 21.73 21.90
N ALA B 70 -7.86 21.51 20.77
CA ALA B 70 -8.97 20.54 20.70
C ALA B 70 -8.48 19.12 20.98
N LEU B 71 -7.30 18.76 20.45
CA LEU B 71 -6.84 17.37 20.51
C LEU B 71 -6.13 17.06 21.83
N GLY B 72 -5.65 18.09 22.50
CA GLY B 72 -5.05 17.96 23.85
C GLY B 72 -3.56 17.62 23.76
N ALA B 73 -3.05 17.03 24.88
CA ALA B 73 -1.63 17.07 25.25
C ALA B 73 -0.73 16.17 24.41
N ASN B 74 -1.30 15.19 23.71
CA ASN B 74 -0.45 14.41 22.83
C ASN B 74 -0.39 15.05 21.45
N SER B 75 -0.92 16.27 21.33
CA SER B 75 -0.66 17.04 20.11
C SER B 75 0.19 18.26 20.39
N LEU B 76 0.97 18.71 19.42
CA LEU B 76 1.90 19.82 19.61
C LEU B 76 1.94 20.64 18.32
N PHE B 77 1.45 21.91 18.37
CA PHE B 77 1.44 22.71 17.15
C PHE B 77 2.65 23.68 17.23
N LEU B 78 3.43 23.73 16.15
CA LEU B 78 4.52 24.68 15.99
C LEU B 78 4.21 25.53 14.77
N PRO B 79 4.15 26.88 14.89
CA PRO B 79 4.03 27.73 13.72
C PRO B 79 5.28 27.64 12.82
N CYS B 80 5.09 27.48 11.49
CA CYS B 80 6.27 27.33 10.65
C CYS B 80 5.90 27.68 9.21
N ASP B 81 6.70 28.59 8.61
CA ASP B 81 6.71 28.79 7.15
C ASP B 81 7.77 27.91 6.54
N VAL B 82 7.34 26.85 5.82
CA VAL B 82 8.23 25.82 5.33
C VAL B 82 9.23 26.33 4.29
N ARG B 83 9.04 27.56 3.81
CA ARG B 83 10.07 28.22 3.00
C ARG B 83 11.31 28.57 3.84
N ASP B 84 11.07 28.80 5.12
CA ASP B 84 12.14 29.18 6.03
C ASP B 84 12.76 27.91 6.58
N ILE B 85 13.89 27.51 6.01
CA ILE B 85 14.48 26.26 6.40
C ILE B 85 15.08 26.34 7.81
N GLU B 86 15.67 27.48 8.17
CA GLU B 86 16.06 27.67 9.57
C GLU B 86 14.86 27.35 10.49
N ARG B 87 13.69 27.91 10.16
CA ARG B 87 12.59 27.76 11.11
C ARG B 87 12.18 26.29 11.11
N LEU B 88 12.18 25.67 9.91
CA LEU B 88 11.84 24.26 9.83
C LEU B 88 12.79 23.47 10.72
N LYS B 89 14.13 23.72 10.62
CA LYS B 89 15.03 22.94 11.46
C LYS B 89 14.76 23.26 12.92
N ALA B 90 14.40 24.52 13.20
CA ALA B 90 14.16 24.84 14.61
C ALA B 90 13.02 23.97 15.14
N CYS B 91 11.99 23.82 14.30
CA CYS B 91 10.77 23.12 14.68
C CYS B 91 11.08 21.66 14.96
N VAL B 92 11.92 21.05 14.10
CA VAL B 92 12.33 19.66 14.27
C VAL B 92 13.10 19.49 15.58
N ALA B 93 14.08 20.38 15.84
CA ALA B 93 14.88 20.27 17.07
C ALA B 93 13.98 20.36 18.31
N GLU B 94 12.93 21.17 18.22
CA GLU B 94 12.06 21.40 19.37
C GLU B 94 11.24 20.13 19.64
N VAL B 95 10.74 19.51 18.56
CA VAL B 95 10.04 18.23 18.74
C VAL B 95 10.98 17.21 19.38
N GLU B 96 12.21 17.14 18.88
CA GLU B 96 13.20 16.20 19.41
C GLU B 96 13.46 16.44 20.88
N ARG B 97 13.56 17.69 21.28
CA ARG B 97 13.85 17.98 22.68
C ARG B 97 12.62 17.63 23.53
N THR B 98 11.42 17.78 22.99
CA THR B 98 10.20 17.53 23.77
C THR B 98 10.01 16.02 23.96
N TRP B 99 10.15 15.20 22.91
CA TRP B 99 9.62 13.86 22.80
C TRP B 99 10.66 12.83 22.36
N GLY B 100 11.87 13.28 21.96
CA GLY B 100 12.85 12.34 21.41
C GLY B 100 12.84 12.30 19.89
N ALA B 101 13.69 11.50 19.25
CA ALA B 101 13.74 11.36 17.79
C ALA B 101 12.36 11.15 17.20
N VAL B 102 12.10 11.78 16.05
CA VAL B 102 10.86 11.51 15.33
C VAL B 102 10.85 10.07 14.82
N ASP B 103 9.67 9.40 14.92
CA ASP B 103 9.49 8.05 14.40
C ASP B 103 8.99 8.12 12.96
N VAL B 104 8.07 9.06 12.74
CA VAL B 104 7.34 9.13 11.45
C VAL B 104 7.32 10.59 11.00
N LEU B 105 7.88 10.88 9.80
CA LEU B 105 7.76 12.23 9.24
C LEU B 105 6.81 12.16 8.06
N ILE B 106 5.82 13.07 8.02
CA ILE B 106 4.97 13.16 6.82
C ILE B 106 5.22 14.55 6.21
N ASN B 107 5.79 14.54 5.00
CA ASN B 107 6.03 15.76 4.27
C ASN B 107 4.79 16.03 3.44
N ASN B 108 3.94 16.94 3.92
CA ASN B 108 2.60 17.15 3.39
C ASN B 108 2.38 18.62 2.93
N ALA B 109 3.15 19.59 3.45
CA ALA B 109 2.91 21.00 3.16
C ALA B 109 3.03 21.18 1.63
N ALA B 110 2.09 21.94 1.04
CA ALA B 110 2.16 22.12 -0.40
C ALA B 110 1.25 23.30 -0.73
N ARG B 111 1.45 23.84 -1.92
CA ARG B 111 0.55 24.89 -2.40
C ARG B 111 0.22 24.52 -3.85
N ASP B 112 -1.07 24.28 -4.13
CA ASP B 112 -1.46 23.68 -5.40
C ASP B 112 -2.19 24.68 -6.30
N ASP B 113 -1.99 25.98 -6.09
CA ASP B 113 -2.75 26.97 -6.88
C ASP B 113 -2.49 26.78 -8.39
N ARG B 114 -3.55 27.06 -9.21
CA ARG B 114 -3.55 26.91 -10.67
C ARG B 114 -2.69 28.03 -11.24
N HIS B 115 -1.81 27.78 -12.24
CA HIS B 115 -1.07 28.87 -12.88
C HIS B 115 -0.77 28.48 -14.32
N ALA B 116 -0.96 29.42 -15.24
CA ALA B 116 -0.71 29.20 -16.67
C ALA B 116 0.78 29.06 -16.95
N LEU B 117 1.15 28.06 -17.74
CA LEU B 117 2.55 27.90 -18.13
C LEU B 117 3.18 29.17 -18.70
N ALA B 118 2.42 29.88 -19.56
CA ALA B 118 3.03 30.93 -20.34
C ALA B 118 3.43 32.09 -19.43
N ASP B 119 2.88 32.13 -18.19
CA ASP B 119 2.87 33.31 -17.37
C ASP B 119 3.76 33.23 -16.13
N VAL B 120 4.44 32.11 -15.88
CA VAL B 120 5.27 31.88 -14.71
C VAL B 120 6.59 32.66 -14.78
N SER B 121 6.87 33.45 -13.73
CA SER B 121 8.09 34.25 -13.65
C SER B 121 9.14 33.41 -12.89
N VAL B 122 10.39 33.92 -12.87
CA VAL B 122 11.42 33.17 -12.14
C VAL B 122 11.13 33.17 -10.64
N GLU B 123 10.67 34.32 -10.12
CA GLU B 123 10.35 34.44 -8.69
C GLU B 123 9.22 33.51 -8.31
N TYR B 124 8.18 33.40 -9.15
CA TYR B 124 7.06 32.49 -8.92
C TYR B 124 7.55 31.03 -8.85
N TRP B 125 8.32 30.62 -9.88
CA TRP B 125 8.90 29.29 -9.97
C TRP B 125 9.62 28.95 -8.66
N ASP B 126 10.55 29.83 -8.23
CA ASP B 126 11.38 29.63 -7.06
C ASP B 126 10.49 29.43 -5.83
N GLU B 127 9.51 30.32 -5.69
CA GLU B 127 8.64 30.27 -4.52
C GLU B 127 7.85 28.96 -4.48
N ARG B 128 7.29 28.55 -5.62
CA ARG B 128 6.54 27.30 -5.68
C ARG B 128 7.42 26.05 -5.46
N MET B 129 8.68 26.03 -5.99
CA MET B 129 9.58 24.89 -5.72
C MET B 129 9.92 24.83 -4.22
N GLN B 130 10.00 25.99 -3.63
CA GLN B 130 10.36 26.07 -2.23
C GLN B 130 9.22 25.59 -1.30
N THR B 131 7.96 25.94 -1.64
CA THR B 131 6.83 25.58 -0.77
C THR B 131 6.37 24.15 -1.06
N ASN B 132 6.68 23.64 -2.29
CA ASN B 132 6.24 22.30 -2.70
C ASN B 132 7.32 21.22 -2.57
N LEU B 133 8.62 21.52 -2.66
CA LEU B 133 9.59 20.45 -2.78
C LEU B 133 10.69 20.60 -1.73
N ARG B 134 11.31 21.80 -1.62
CA ARG B 134 12.57 21.97 -0.90
C ARG B 134 12.41 21.52 0.57
N HIS B 135 11.31 21.91 1.21
CA HIS B 135 11.17 21.61 2.66
C HIS B 135 11.18 20.10 2.93
N ALA B 136 10.72 19.32 1.92
CA ALA B 136 10.58 17.86 2.16
C ALA B 136 11.99 17.27 2.25
N PHE B 137 12.97 17.81 1.45
CA PHE B 137 14.33 17.34 1.57
C PHE B 137 14.91 17.73 2.94
N PHE B 138 14.72 19.00 3.30
CA PHE B 138 15.39 19.47 4.52
C PHE B 138 14.74 18.85 5.76
N ALA B 139 13.42 18.55 5.69
CA ALA B 139 12.82 17.90 6.85
C ALA B 139 13.38 16.49 7.02
N ALA B 140 13.59 15.80 5.88
CA ALA B 140 14.12 14.44 5.96
C ALA B 140 15.52 14.54 6.52
N GLN B 141 16.26 15.58 6.08
CA GLN B 141 17.63 15.67 6.50
C GLN B 141 17.68 15.95 8.02
N ALA B 142 16.71 16.73 8.51
CA ALA B 142 16.62 17.05 9.95
C ALA B 142 16.25 15.87 10.85
N VAL B 143 15.27 15.08 10.41
CA VAL B 143 14.86 13.93 11.21
C VAL B 143 15.83 12.77 11.12
N ALA B 144 16.57 12.63 10.01
CA ALA B 144 17.43 11.47 9.84
C ALA B 144 18.37 11.17 11.01
N PRO B 145 19.25 12.07 11.52
CA PRO B 145 20.23 11.62 12.50
C PRO B 145 19.59 10.97 13.73
N GLY B 146 18.44 11.51 14.18
CA GLY B 146 17.66 11.01 15.32
C GLY B 146 17.09 9.59 15.07
N MET B 147 16.62 9.41 13.82
CA MET B 147 16.15 8.11 13.34
C MET B 147 17.30 7.13 13.37
N ALA B 148 18.45 7.45 12.78
CA ALA B 148 19.59 6.55 12.66
C ALA B 148 20.15 6.15 14.02
N ARG B 149 20.26 7.08 14.98
CA ARG B 149 20.69 6.81 16.36
C ARG B 149 19.85 5.67 16.91
N ARG B 150 18.50 5.75 16.69
CA ARG B 150 17.61 4.72 17.21
C ARG B 150 17.70 3.44 16.35
N GLY B 151 17.92 3.59 15.03
CA GLY B 151 17.96 2.43 14.15
C GLY B 151 16.63 2.20 13.41
N SER B 152 15.71 3.18 13.46
CA SER B 152 14.41 2.96 12.82
C SER B 152 13.77 4.31 12.56
N GLY B 153 12.90 4.35 11.54
CA GLY B 153 12.13 5.57 11.31
C GLY B 153 11.42 5.42 9.95
N ALA B 154 10.47 6.30 9.69
CA ALA B 154 9.69 6.19 8.46
C ALA B 154 9.38 7.58 7.99
N ILE B 155 9.40 7.72 6.66
CA ILE B 155 9.12 9.01 6.05
C ILE B 155 8.08 8.77 4.99
N ILE B 156 7.09 9.64 4.94
CA ILE B 156 6.04 9.54 3.94
C ILE B 156 6.04 10.87 3.19
N ASN B 157 6.34 10.85 1.89
CA ASN B 157 6.26 12.07 1.06
C ASN B 157 4.88 12.09 0.40
N MET B 158 4.09 13.14 0.57
CA MET B 158 2.85 13.27 -0.20
C MET B 158 3.15 13.58 -1.67
N GLY B 159 2.68 12.69 -2.52
CA GLY B 159 2.86 12.78 -3.94
C GLY B 159 1.54 13.21 -4.55
N SER B 160 1.39 12.95 -5.84
CA SER B 160 0.16 13.35 -6.52
C SER B 160 0.11 12.67 -7.89
N ILE B 161 -1.09 12.20 -8.28
CA ILE B 161 -1.25 11.52 -9.57
C ILE B 161 -1.26 12.54 -10.71
N SER B 162 -1.35 13.82 -10.39
CA SER B 162 -1.44 14.87 -11.41
C SER B 162 -0.25 14.86 -12.39
N TRP B 163 0.98 14.58 -11.94
CA TRP B 163 2.05 14.55 -12.95
C TRP B 163 2.04 13.26 -13.72
N MET B 164 1.59 12.16 -13.07
CA MET B 164 1.46 10.88 -13.77
C MET B 164 0.48 11.05 -14.94
N ARG B 165 -0.64 11.76 -14.70
CA ARG B 165 -1.66 11.95 -15.72
C ARG B 165 -1.33 13.15 -16.61
N GLY B 166 -0.11 13.73 -16.49
CA GLY B 166 0.33 14.87 -17.30
C GLY B 166 -0.67 16.06 -17.24
N ARG B 167 -1.21 16.30 -16.03
CA ARG B 167 -2.26 17.35 -15.99
C ARG B 167 -1.63 18.73 -16.18
N PRO B 168 -2.21 19.59 -17.07
CA PRO B 168 -1.67 20.91 -17.34
C PRO B 168 -2.18 21.93 -16.29
N GLY B 169 -1.64 23.14 -16.36
CA GLY B 169 -2.15 24.34 -15.70
C GLY B 169 -1.62 24.51 -14.27
N MET B 170 -0.59 23.76 -13.84
CA MET B 170 0.00 24.01 -12.53
C MET B 170 1.42 23.45 -12.57
N VAL B 171 2.20 23.89 -13.59
CA VAL B 171 3.46 23.21 -13.89
C VAL B 171 4.37 23.17 -12.65
N CYS B 172 4.44 24.21 -11.81
CA CYS B 172 5.36 24.10 -10.67
C CYS B 172 4.97 23.01 -9.69
N TYR B 173 3.66 22.87 -9.39
CA TYR B 173 3.15 21.92 -8.42
C TYR B 173 3.41 20.52 -8.96
N THR B 174 3.13 20.29 -10.27
CA THR B 174 3.25 18.91 -10.76
C THR B 174 4.73 18.52 -10.89
N THR B 175 5.58 19.48 -11.24
CA THR B 175 7.02 19.22 -11.35
C THR B 175 7.62 18.93 -9.96
N ALA B 176 7.19 19.70 -8.95
CA ALA B 176 7.58 19.44 -7.58
C ALA B 176 7.16 18.03 -7.15
N LYS B 177 5.88 17.66 -7.43
CA LYS B 177 5.45 16.34 -7.01
C LYS B 177 6.24 15.24 -7.73
N ALA B 178 6.55 15.41 -9.02
CA ALA B 178 7.36 14.42 -9.74
C ALA B 178 8.77 14.34 -9.12
N ALA B 179 9.31 15.49 -8.70
CA ALA B 179 10.61 15.52 -8.02
C ALA B 179 10.56 14.58 -6.79
N LEU B 180 9.50 14.71 -6.00
CA LEU B 180 9.38 13.93 -4.75
C LEU B 180 9.28 12.41 -5.05
N ASN B 181 8.69 12.03 -6.20
CA ASN B 181 8.64 10.67 -6.65
C ASN B 181 10.07 10.10 -6.72
N GLY B 182 11.00 10.86 -7.36
CA GLY B 182 12.43 10.50 -7.45
C GLY B 182 13.10 10.47 -6.08
N MET B 183 12.83 11.51 -5.29
CA MET B 183 13.49 11.73 -4.03
C MET B 183 13.17 10.57 -3.07
N THR B 184 11.91 10.07 -3.09
CA THR B 184 11.59 8.87 -2.30
C THR B 184 12.56 7.72 -2.60
N ARG B 185 12.76 7.40 -3.90
CA ARG B 185 13.51 6.21 -4.34
C ARG B 185 14.98 6.35 -3.89
N THR B 186 15.57 7.56 -4.08
CA THR B 186 17.02 7.71 -3.78
C THR B 186 17.26 7.84 -2.27
N LEU B 187 16.33 8.47 -1.57
CA LEU B 187 16.55 8.62 -0.14
C LEU B 187 16.32 7.25 0.48
N ALA B 188 15.38 6.46 -0.08
CA ALA B 188 15.16 5.12 0.45
C ALA B 188 16.47 4.34 0.48
N ARG B 189 17.29 4.43 -0.59
CA ARG B 189 18.57 3.72 -0.61
C ARG B 189 19.57 4.41 0.30
N GLU B 190 19.57 5.76 0.28
CA GLU B 190 20.64 6.45 1.02
C GLU B 190 20.45 6.27 2.52
N LEU B 191 19.17 6.13 3.00
CA LEU B 191 18.98 6.09 4.47
C LEU B 191 18.61 4.69 4.94
N GLY B 192 18.26 3.76 4.03
CA GLY B 192 17.71 2.47 4.38
C GLY B 192 18.65 1.70 5.32
N GLY B 193 19.97 1.81 5.08
CA GLY B 193 20.93 1.13 5.92
C GLY B 193 20.88 1.65 7.35
N GLN B 194 20.33 2.84 7.53
CA GLN B 194 20.15 3.32 8.90
C GLN B 194 18.83 2.84 9.53
N GLY B 195 18.06 1.99 8.85
CA GLY B 195 16.74 1.57 9.30
C GLY B 195 15.59 2.52 8.98
N ILE B 196 15.76 3.49 8.06
CA ILE B 196 14.69 4.40 7.73
C ILE B 196 14.07 3.94 6.42
N ARG B 197 12.73 3.81 6.40
CA ARG B 197 11.98 3.49 5.21
C ARG B 197 11.31 4.77 4.70
N ILE B 198 11.24 4.91 3.38
CA ILE B 198 10.71 6.14 2.80
C ILE B 198 9.78 5.72 1.68
N ASN B 199 8.53 6.22 1.67
CA ASN B 199 7.58 5.84 0.65
C ASN B 199 6.82 7.09 0.25
N SER B 200 6.13 7.05 -0.89
CA SER B 200 5.28 8.17 -1.21
CA SER B 200 5.28 8.16 -1.27
C SER B 200 3.81 7.73 -1.15
N LEU B 201 2.95 8.56 -0.52
CA LEU B 201 1.50 8.35 -0.47
C LEU B 201 0.93 9.27 -1.56
N VAL B 202 0.28 8.73 -2.59
CA VAL B 202 -0.06 9.47 -3.79
C VAL B 202 -1.58 9.49 -3.93
N PRO B 203 -2.24 10.55 -3.45
CA PRO B 203 -3.71 10.65 -3.58
C PRO B 203 -4.19 10.98 -4.98
N GLY B 204 -5.46 10.69 -5.23
CA GLY B 204 -6.18 11.11 -6.42
C GLY B 204 -6.92 12.39 -6.09
N ALA B 205 -8.18 12.52 -6.54
CA ALA B 205 -8.84 13.79 -6.35
C ALA B 205 -9.63 13.74 -5.05
N ILE B 206 -9.05 14.34 -4.00
CA ILE B 206 -9.59 14.27 -2.65
C ILE B 206 -10.56 15.43 -2.39
N ARG B 207 -11.82 15.12 -1.97
CA ARG B 207 -12.78 16.18 -1.65
C ARG B 207 -12.33 16.81 -0.35
N THR B 208 -12.19 18.18 -0.35
CA THR B 208 -11.80 18.91 0.87
C THR B 208 -12.68 20.16 0.94
N GLU B 209 -12.85 20.70 2.16
CA GLU B 209 -13.57 21.95 2.43
C GLU B 209 -13.00 23.10 1.57
N ARG B 210 -11.68 23.13 1.33
CA ARG B 210 -10.96 24.12 0.53
C ARG B 210 -11.17 23.96 -0.99
N GLN B 211 -11.10 22.71 -1.54
CA GLN B 211 -11.45 22.41 -2.93
C GLN B 211 -12.93 22.80 -3.19
N ASP B 212 -13.76 22.71 -2.15
CA ASP B 212 -15.19 23.00 -2.26
C ASP B 212 -15.50 24.49 -2.04
N ALA B 213 -14.71 25.16 -1.18
CA ALA B 213 -14.92 26.57 -0.87
C ALA B 213 -14.84 27.43 -2.13
N MET B 214 -14.16 26.90 -3.18
CA MET B 214 -13.79 27.59 -4.41
C MET B 214 -14.99 27.87 -5.33
N TRP B 215 -16.18 27.35 -4.97
CA TRP B 215 -17.39 27.31 -5.80
C TRP B 215 -18.65 27.70 -5.01
N ALA B 216 -18.48 28.45 -3.90
CA ALA B 216 -19.54 28.73 -2.93
C ALA B 216 -20.76 29.44 -3.53
N ALA B 217 -20.76 29.75 -4.83
CA ALA B 217 -21.95 30.34 -5.43
C ALA B 217 -22.28 29.68 -6.77
N ASP B 218 -21.65 28.51 -7.01
CA ASP B 218 -21.90 27.70 -8.19
C ASP B 218 -22.02 26.23 -7.75
N PRO B 219 -23.11 25.82 -7.04
CA PRO B 219 -23.15 24.45 -6.50
C PRO B 219 -23.40 23.48 -7.65
N ALA B 220 -24.07 23.96 -8.73
CA ALA B 220 -24.16 23.22 -9.97
C ALA B 220 -22.78 22.85 -10.49
N GLY B 221 -21.86 23.81 -10.46
CA GLY B 221 -20.53 23.67 -11.04
C GLY B 221 -19.71 22.72 -10.18
N LEU B 222 -19.85 22.87 -8.85
CA LEU B 222 -19.15 21.98 -7.92
C LEU B 222 -19.55 20.53 -8.19
N GLU B 223 -20.88 20.31 -8.29
CA GLU B 223 -21.53 19.02 -8.36
C GLU B 223 -21.13 18.38 -9.68
N ALA B 224 -21.11 19.18 -10.76
CA ALA B 224 -20.76 18.72 -12.10
C ALA B 224 -19.30 18.27 -12.07
N ALA B 225 -18.45 19.04 -11.40
CA ALA B 225 -17.02 18.72 -11.38
C ALA B 225 -16.81 17.47 -10.51
N SER B 226 -17.62 17.35 -9.43
CA SER B 226 -17.49 16.17 -8.58
C SER B 226 -17.88 14.92 -9.37
N GLN B 227 -18.96 15.02 -10.13
CA GLN B 227 -19.52 13.91 -10.89
C GLN B 227 -18.55 13.51 -11.98
N ALA B 228 -17.81 14.49 -12.51
CA ALA B 228 -16.84 14.19 -13.55
C ALA B 228 -15.75 13.32 -12.97
N PHE B 229 -15.30 13.62 -11.74
CA PHE B 229 -14.31 12.70 -11.19
C PHE B 229 -14.89 11.30 -10.98
N ILE B 230 -16.11 11.19 -10.51
CA ILE B 230 -16.72 9.89 -10.32
C ILE B 230 -16.81 9.13 -11.66
N ASP B 231 -17.16 9.82 -12.73
CA ASP B 231 -17.33 9.21 -14.06
C ASP B 231 -15.97 8.74 -14.56
N GLN B 232 -14.89 9.44 -14.21
CA GLN B 232 -13.59 9.06 -14.77
C GLN B 232 -12.96 7.98 -13.91
N GLN B 233 -13.31 8.00 -12.61
CA GLN B 233 -12.75 7.01 -11.69
C GLN B 233 -13.28 5.62 -12.02
N MET B 234 -12.55 4.61 -11.52
CA MET B 234 -13.03 3.21 -11.60
C MET B 234 -14.03 2.96 -10.47
N LEU B 235 -13.74 3.41 -9.25
CA LEU B 235 -14.73 3.33 -8.16
C LEU B 235 -15.62 4.57 -8.15
N LYS B 236 -16.92 4.40 -7.92
CA LYS B 236 -17.85 5.48 -8.24
C LYS B 236 -18.32 6.21 -6.99
N PHE B 237 -17.35 6.73 -6.23
CA PHE B 237 -17.65 7.53 -5.05
C PHE B 237 -16.45 8.49 -4.88
N ARG B 238 -16.67 9.59 -4.16
CA ARG B 238 -15.62 10.59 -3.98
C ARG B 238 -14.72 10.19 -2.83
N LEU B 239 -13.41 10.33 -3.06
CA LEU B 239 -12.41 10.10 -2.02
C LEU B 239 -12.39 11.32 -1.09
N ASP B 240 -11.94 11.10 0.15
CA ASP B 240 -11.85 12.24 1.06
C ASP B 240 -10.58 12.06 1.91
N ALA B 241 -10.36 12.98 2.83
CA ALA B 241 -9.12 13.00 3.62
C ALA B 241 -8.95 11.73 4.47
N SER B 242 -10.05 11.06 4.82
CA SER B 242 -9.96 9.83 5.61
C SER B 242 -9.32 8.73 4.77
N ASP B 243 -9.60 8.77 3.47
CA ASP B 243 -8.99 7.72 2.68
C ASP B 243 -7.50 7.91 2.71
N CYS B 244 -7.06 9.20 2.65
CA CYS B 244 -5.61 9.42 2.73
C CYS B 244 -5.07 9.05 4.11
N ALA B 245 -5.81 9.37 5.18
CA ALA B 245 -5.29 9.05 6.51
C ALA B 245 -5.23 7.56 6.79
N ARG B 246 -6.18 6.76 6.23
CA ARG B 246 -6.14 5.30 6.35
C ARG B 246 -4.81 4.77 5.81
N LEU B 247 -4.41 5.33 4.64
CA LEU B 247 -3.22 4.84 4.02
C LEU B 247 -1.98 5.28 4.82
N ALA B 248 -2.01 6.53 5.35
CA ALA B 248 -0.86 6.99 6.10
C ALA B 248 -0.63 6.14 7.34
N LEU B 249 -1.72 5.77 8.04
CA LEU B 249 -1.57 4.96 9.25
C LEU B 249 -0.82 3.67 8.90
N PHE B 250 -1.25 3.01 7.78
CA PHE B 250 -0.62 1.73 7.41
C PHE B 250 0.87 2.02 7.13
N LEU B 251 1.19 3.08 6.37
CA LEU B 251 2.59 3.35 5.94
C LEU B 251 3.51 3.76 7.09
N ALA B 252 2.89 4.18 8.21
CA ALA B 252 3.65 4.50 9.42
C ALA B 252 3.80 3.30 10.36
N SER B 253 2.89 2.32 10.27
CA SER B 253 2.81 1.25 11.28
C SER B 253 3.85 0.17 10.97
N ASP B 254 4.10 -0.73 11.93
CA ASP B 254 4.95 -1.90 11.66
C ASP B 254 4.37 -2.83 10.60
N ASP B 255 3.08 -2.71 10.22
CA ASP B 255 2.55 -3.55 9.18
C ASP B 255 3.19 -3.23 7.82
N SER B 256 3.97 -2.14 7.71
CA SER B 256 4.58 -1.86 6.41
C SER B 256 6.11 -1.79 6.59
N ARG B 257 6.65 -2.49 7.62
CA ARG B 257 8.07 -2.37 8.01
C ARG B 257 9.04 -2.72 6.87
N GLY B 258 8.62 -3.55 5.88
CA GLY B 258 9.55 -3.98 4.84
C GLY B 258 9.24 -3.25 3.51
N CYS B 259 8.31 -2.28 3.52
CA CYS B 259 8.01 -1.50 2.32
C CYS B 259 8.90 -0.23 2.26
N THR B 260 9.70 -0.04 1.18
CA THR B 260 10.38 1.24 1.09
C THR B 260 10.66 1.51 -0.38
N GLY B 261 10.84 2.82 -0.70
CA GLY B 261 11.17 3.20 -2.05
C GLY B 261 9.98 3.28 -2.98
N GLN B 262 8.76 3.10 -2.44
CA GLN B 262 7.59 2.77 -3.29
C GLN B 262 6.53 3.85 -3.26
N ASN B 263 5.68 3.88 -4.30
CA ASN B 263 4.50 4.71 -4.33
C ASN B 263 3.34 3.83 -3.84
N PHE B 264 2.41 4.40 -3.06
CA PHE B 264 1.14 3.71 -2.71
C PHE B 264 0.07 4.73 -3.15
N VAL B 265 -0.74 4.38 -4.13
CA VAL B 265 -1.69 5.30 -4.77
C VAL B 265 -3.08 4.99 -4.29
N VAL B 266 -3.76 6.03 -3.80
CA VAL B 266 -5.10 5.92 -3.31
C VAL B 266 -5.90 6.89 -4.19
N ASP B 267 -6.44 6.43 -5.35
CA ASP B 267 -6.98 7.38 -6.30
C ASP B 267 -8.23 6.86 -6.97
N ALA B 268 -8.80 5.73 -6.48
CA ALA B 268 -10.06 5.21 -7.05
C ALA B 268 -9.98 4.98 -8.55
N GLY B 269 -8.75 4.73 -9.03
CA GLY B 269 -8.57 4.46 -10.48
C GLY B 269 -8.46 5.73 -11.36
N LEU B 270 -8.40 6.96 -10.82
CA LEU B 270 -8.43 8.16 -11.68
C LEU B 270 -7.18 8.23 -12.57
N SER B 271 -6.05 7.64 -12.04
CA SER B 271 -4.81 7.71 -12.85
C SER B 271 -4.74 6.73 -14.02
N ILE B 272 -5.74 5.81 -14.16
CA ILE B 272 -5.68 4.77 -15.18
C ILE B 272 -6.90 4.92 -16.06
N GLN B 273 -6.77 5.77 -17.02
CA GLN B 273 -7.96 5.99 -17.86
C GLN B 273 -7.64 5.86 -19.36
#